data_6UQV
#
_entry.id   6UQV
#
_cell.length_a   82.157
_cell.length_b   109.673
_cell.length_c   84.220
_cell.angle_alpha   90.000
_cell.angle_beta   90.000
_cell.angle_gamma   90.000
#
_symmetry.space_group_name_H-M   'C 2 2 21'
#
loop_
_entity.id
_entity.type
_entity.pdbx_description
1 polymer ChoE
2 non-polymer '2-(N-MORPHOLINO)-ETHANESULFONIC ACID'
3 non-polymer GLYCEROL
4 non-polymer 'butanoic acid'
5 non-polymer 'CHLORIDE ION'
6 non-polymer 'HEXAETHYLENE GLYCOL'
7 water water
#
_entity_poly.entity_id   1
_entity_poly.type   'polypeptide(L)'
_entity_poly.pdbx_seq_one_letter_code
;HTSPLLAPVRQIHAFGDSYSDNGESQRLTREMLAKGIAGAQALPGEVYWQGRWSNGPTAVEVLARQLGAQLADHAVGGAK
SGADNYYGWMSAYRHTGLAGQVDAYLATLDGKPVDGQALHFIFVSANDFFEHEDFAGEQPLEQLAGSSVANIRAAVQRLG
EAGARRFLVVSSTDLSVVPAVVAGNRVERAQRYLQAVNASLPIQLAALRKTRGLELSWFDHLTFSRHLRRNPARYGLVEL
DAPCQPTQPSVRPACANPDQYYFWDEWHPTRRVHQLAGEAMAARYAR
;
_entity_poly.pdbx_strand_id   A
#
loop_
_chem_comp.id
_chem_comp.type
_chem_comp.name
_chem_comp.formula
BUA non-polymer 'butanoic acid' 'C4 H8 O2'
CL non-polymer 'CHLORIDE ION' 'Cl -1'
GOL non-polymer GLYCEROL 'C3 H8 O3'
MES non-polymer '2-(N-MORPHOLINO)-ETHANESULFONIC ACID' 'C6 H13 N O4 S'
P6G non-polymer 'HEXAETHYLENE GLYCOL' 'C12 H26 O7'
#
# COMPACT_ATOMS: atom_id res chain seq x y z
N HIS A 1 1.28 13.45 -24.84
CA HIS A 1 2.70 13.95 -24.69
C HIS A 1 3.12 13.90 -23.23
N THR A 2 4.29 13.34 -22.91
CA THR A 2 4.71 13.23 -21.51
C THR A 2 5.04 14.61 -20.92
N SER A 3 4.91 14.68 -19.59
CA SER A 3 5.29 15.84 -18.82
C SER A 3 6.80 15.82 -18.51
N PRO A 4 7.35 16.95 -18.05
CA PRO A 4 8.68 16.98 -17.51
C PRO A 4 8.89 16.00 -16.37
N LEU A 5 10.01 15.35 -16.30
CA LEU A 5 10.36 14.50 -15.18
C LEU A 5 10.43 15.37 -13.92
N LEU A 6 10.01 14.78 -12.80
CA LEU A 6 10.19 15.41 -11.49
C LEU A 6 11.62 15.34 -11.02
N ALA A 7 11.94 16.14 -10.04
CA ALA A 7 13.32 16.20 -9.53
C ALA A 7 13.80 14.89 -8.96
N PRO A 8 15.07 14.62 -8.93
CA PRO A 8 15.65 13.44 -8.33
C PRO A 8 15.20 13.28 -6.87
N VAL A 9 15.20 12.03 -6.42
CA VAL A 9 14.82 11.71 -5.04
C VAL A 9 15.98 10.93 -4.42
N ARG A 10 16.33 11.34 -3.19
CA ARG A 10 17.39 10.68 -2.45
C ARG A 10 16.93 10.06 -1.14
N GLN A 11 15.72 10.39 -0.70
CA GLN A 11 15.14 9.80 0.49
C GLN A 11 13.65 9.63 0.24
N ILE A 12 13.14 8.43 0.54
CA ILE A 12 11.70 8.11 0.56
C ILE A 12 11.28 7.77 1.98
N HIS A 13 10.18 8.30 2.43
CA HIS A 13 9.44 7.88 3.61
C HIS A 13 8.16 7.25 3.12
N ALA A 14 7.94 5.96 3.34
CA ALA A 14 6.78 5.26 2.82
C ALA A 14 5.79 4.95 3.94
N PHE A 15 4.54 5.12 3.63
CA PHE A 15 3.44 4.90 4.58
C PHE A 15 2.44 4.03 3.88
N GLY A 16 1.87 3.05 4.57
CA GLY A 16 0.90 2.22 3.89
C GLY A 16 0.79 0.84 4.51
N ASP A 17 0.50 -0.16 3.67
CA ASP A 17 0.01 -1.47 4.08
C ASP A 17 0.93 -2.59 3.57
N SER A 18 0.37 -3.78 3.42
CA SER A 18 1.17 -4.94 2.98
C SER A 18 1.63 -4.80 1.53
N TYR A 19 1.04 -3.88 0.74
CA TYR A 19 1.59 -3.68 -0.60
C TYR A 19 2.90 -2.89 -0.58
N SER A 20 3.33 -2.39 0.58
CA SER A 20 4.56 -1.63 0.75
C SER A 20 5.53 -2.20 1.80
N ASP A 21 4.95 -2.72 2.88
CA ASP A 21 5.76 -3.18 4.06
C ASP A 21 7.00 -3.95 3.63
N ASN A 22 8.16 -3.54 4.14
CA ASN A 22 9.37 -4.29 3.87
C ASN A 22 9.97 -4.92 5.13
N GLY A 23 9.17 -5.04 6.18
CA GLY A 23 9.67 -5.70 7.38
C GLY A 23 9.08 -5.18 8.66
N GLU A 24 8.26 -4.12 8.67
CA GLU A 24 7.73 -3.60 9.91
CA GLU A 24 7.75 -3.59 9.91
C GLU A 24 6.71 -4.53 10.55
N SER A 25 5.77 -5.13 9.85
CA SER A 25 4.85 -6.06 10.51
C SER A 25 5.67 -7.19 11.17
N GLN A 26 6.69 -7.65 10.54
CA GLN A 26 7.51 -8.72 11.14
C GLN A 26 8.20 -8.18 12.39
N ARG A 27 8.87 -7.04 12.34
CA ARG A 27 9.53 -6.51 13.53
C ARG A 27 8.53 -6.34 14.67
N LEU A 28 7.38 -5.71 14.38
CA LEU A 28 6.42 -5.37 15.40
CA LEU A 28 6.39 -5.38 15.36
C LEU A 28 5.80 -6.63 15.98
N THR A 29 5.42 -7.61 15.16
CA THR A 29 4.76 -8.79 15.68
C THR A 29 5.79 -9.63 16.45
N ARG A 30 7.04 -9.65 16.07
CA ARG A 30 8.03 -10.37 16.96
C ARG A 30 8.07 -9.65 18.30
N GLU A 31 8.10 -8.33 18.33
CA GLU A 31 8.10 -7.60 19.60
C GLU A 31 6.87 -7.96 20.41
N MET A 32 5.71 -8.01 19.79
CA MET A 32 4.47 -8.24 20.45
C MET A 32 4.47 -9.66 21.03
N LEU A 33 4.98 -10.61 20.31
CA LEU A 33 5.00 -11.99 20.84
C LEU A 33 5.97 -12.03 22.02
N ALA A 34 7.10 -11.36 21.92
CA ALA A 34 8.10 -11.42 23.00
C ALA A 34 7.52 -10.84 24.28
N LYS A 35 6.61 -9.88 24.19
CA LYS A 35 6.01 -9.23 25.35
C LYS A 35 4.69 -9.91 25.75
N GLY A 36 4.34 -11.02 25.12
CA GLY A 36 3.13 -11.72 25.45
C GLY A 36 1.87 -10.92 25.18
N ILE A 37 1.82 -10.08 24.12
CA ILE A 37 0.60 -9.39 23.82
C ILE A 37 -0.49 -10.35 23.35
N ALA A 38 -1.70 -10.20 23.87
CA ALA A 38 -2.80 -11.12 23.61
C ALA A 38 -3.17 -11.12 22.13
N GLY A 39 -3.25 -12.30 21.53
CA GLY A 39 -3.80 -12.41 20.18
C GLY A 39 -2.71 -12.32 19.12
N ALA A 40 -1.50 -11.97 19.54
CA ALA A 40 -0.39 -11.71 18.58
C ALA A 40 -0.10 -12.99 17.78
N GLN A 41 0.21 -12.79 16.50
CA GLN A 41 0.66 -13.83 15.55
C GLN A 41 1.89 -13.30 14.83
N ALA A 42 2.77 -14.20 14.39
CA ALA A 42 3.92 -13.80 13.65
C ALA A 42 3.53 -13.51 12.22
N LEU A 43 3.69 -12.25 11.82
CA LEU A 43 3.32 -11.87 10.47
C LEU A 43 4.56 -11.47 9.72
N PRO A 44 4.55 -11.57 8.37
CA PRO A 44 3.48 -12.10 7.57
C PRO A 44 3.34 -13.63 7.63
N GLY A 45 4.47 -14.31 7.91
CA GLY A 45 4.45 -15.77 8.06
C GLY A 45 5.41 -16.48 7.11
N GLU A 46 5.32 -17.82 7.22
CA GLU A 46 6.41 -18.69 6.73
C GLU A 46 6.35 -18.93 5.23
N VAL A 47 5.32 -18.43 4.50
CA VAL A 47 5.29 -18.58 3.06
C VAL A 47 5.63 -17.22 2.39
N TYR A 48 6.23 -16.31 3.12
CA TYR A 48 6.55 -14.99 2.64
C TYR A 48 8.05 -14.70 2.75
N TRP A 49 8.60 -13.90 1.85
CA TRP A 49 9.97 -13.58 1.69
C TRP A 49 10.41 -12.43 2.59
N GLN A 50 11.32 -12.71 3.55
CA GLN A 50 12.03 -11.66 4.26
C GLN A 50 11.09 -10.58 4.87
N GLY A 51 9.98 -11.00 5.44
CA GLY A 51 9.05 -10.06 6.07
C GLY A 51 8.15 -9.32 5.09
N ARG A 52 8.36 -9.44 3.78
CA ARG A 52 7.45 -8.79 2.80
C ARG A 52 6.26 -9.74 2.65
N TRP A 53 5.09 -9.18 2.35
CA TRP A 53 3.90 -9.97 2.09
C TRP A 53 3.90 -10.33 0.60
N SER A 54 4.96 -10.97 0.13
CA SER A 54 5.15 -11.36 -1.25
C SER A 54 6.32 -12.33 -1.30
N ASN A 55 6.81 -12.60 -2.50
CA ASN A 55 8.02 -13.48 -2.64
C ASN A 55 9.25 -12.64 -2.97
N GLY A 56 9.19 -11.31 -2.87
CA GLY A 56 10.25 -10.41 -3.19
C GLY A 56 9.91 -8.97 -2.79
N PRO A 57 10.81 -8.03 -3.12
CA PRO A 57 10.65 -6.65 -2.73
C PRO A 57 9.31 -6.04 -3.19
N THR A 58 8.75 -5.15 -2.38
CA THR A 58 7.53 -4.45 -2.79
C THR A 58 7.88 -3.33 -3.72
N ALA A 59 6.80 -2.78 -4.33
CA ALA A 59 6.93 -1.73 -5.37
C ALA A 59 7.75 -0.57 -4.85
N VAL A 60 7.49 -0.11 -3.63
CA VAL A 60 8.22 1.10 -3.19
C VAL A 60 9.69 0.77 -3.01
N GLU A 61 10.08 -0.44 -2.69
CA GLU A 61 11.50 -0.82 -2.62
C GLU A 61 12.14 -0.76 -3.99
N VAL A 62 11.39 -1.14 -5.02
CA VAL A 62 11.89 -1.10 -6.40
C VAL A 62 11.98 0.36 -6.85
N LEU A 63 10.99 1.18 -6.51
CA LEU A 63 11.01 2.64 -6.78
C LEU A 63 12.27 3.24 -6.18
N ALA A 64 12.56 2.93 -4.93
CA ALA A 64 13.76 3.49 -4.28
C ALA A 64 15.04 3.04 -5.01
N ARG A 65 15.12 1.79 -5.37
CA ARG A 65 16.32 1.28 -6.11
C ARG A 65 16.43 1.97 -7.44
N GLN A 66 15.38 2.14 -8.17
CA GLN A 66 15.40 2.76 -9.49
C GLN A 66 15.80 4.23 -9.39
N LEU A 67 15.43 4.91 -8.33
CA LEU A 67 15.72 6.34 -8.22
C LEU A 67 17.05 6.60 -7.53
N GLY A 68 17.72 5.62 -6.95
CA GLY A 68 18.93 5.82 -6.16
C GLY A 68 18.62 6.51 -4.84
N ALA A 69 17.52 6.13 -4.19
CA ALA A 69 17.10 6.73 -2.95
C ALA A 69 17.17 5.77 -1.78
N GLN A 70 17.48 6.29 -0.60
CA GLN A 70 17.33 5.51 0.60
CA GLN A 70 17.34 5.64 0.67
C GLN A 70 15.84 5.44 0.95
N LEU A 71 15.46 4.35 1.58
CA LEU A 71 14.03 4.10 1.91
C LEU A 71 13.85 3.87 3.41
N ALA A 72 13.02 4.67 4.04
CA ALA A 72 12.52 4.45 5.36
C ALA A 72 11.07 4.00 5.20
N ASP A 73 10.80 2.74 5.38
CA ASP A 73 9.51 2.13 5.02
C ASP A 73 8.71 1.93 6.30
N HIS A 74 7.78 2.82 6.56
CA HIS A 74 6.93 2.81 7.76
C HIS A 74 5.70 1.93 7.61
N ALA A 75 5.45 1.42 6.39
CA ALA A 75 4.20 0.71 6.11
C ALA A 75 4.13 -0.57 6.92
N VAL A 76 2.92 -0.95 7.33
CA VAL A 76 2.68 -2.11 8.14
C VAL A 76 1.55 -2.93 7.54
N GLY A 77 1.82 -4.22 7.29
CA GLY A 77 0.81 -5.10 6.80
C GLY A 77 -0.45 -5.05 7.64
N GLY A 78 -1.61 -4.98 6.99
CA GLY A 78 -2.89 -4.82 7.68
C GLY A 78 -3.32 -3.37 7.85
N ALA A 79 -2.43 -2.38 7.64
CA ALA A 79 -2.78 -1.03 8.00
C ALA A 79 -4.03 -0.53 7.28
N LYS A 80 -4.91 0.10 8.04
CA LYS A 80 -6.02 0.86 7.44
C LYS A 80 -5.59 2.30 7.24
N SER A 81 -6.49 3.09 6.62
CA SER A 81 -6.17 4.50 6.36
C SER A 81 -6.26 5.36 7.61
N GLY A 82 -6.95 4.95 8.64
CA GLY A 82 -7.02 5.68 9.92
C GLY A 82 -5.96 5.20 10.89
N ALA A 83 -6.32 5.11 12.19
CA ALA A 83 -5.34 4.84 13.20
C ALA A 83 -4.85 3.41 13.26
N ASP A 84 -5.74 2.49 12.97
CA ASP A 84 -5.52 1.10 13.33
C ASP A 84 -5.37 0.13 12.18
N ASN A 85 -5.45 -1.17 12.48
CA ASN A 85 -5.02 -2.23 11.57
C ASN A 85 -6.15 -3.26 11.42
N TYR A 86 -6.25 -3.90 10.29
CA TYR A 86 -7.08 -5.07 10.09
C TYR A 86 -6.93 -6.05 11.24
N TYR A 87 -5.75 -6.18 11.79
CA TYR A 87 -5.50 -7.02 12.97
C TYR A 87 -5.77 -6.19 14.23
N GLY A 88 -6.93 -6.42 14.78
CA GLY A 88 -7.43 -5.61 15.90
C GLY A 88 -6.61 -5.72 17.15
N TRP A 89 -6.00 -6.86 17.35
CA TRP A 89 -5.18 -7.16 18.50
C TRP A 89 -3.93 -6.30 18.55
N MET A 90 -3.52 -5.68 17.42
CA MET A 90 -2.41 -4.80 17.49
C MET A 90 -2.70 -3.50 18.27
N SER A 91 -3.95 -3.04 18.27
CA SER A 91 -4.31 -1.62 18.74
C SER A 91 -3.87 -1.39 20.19
N ALA A 92 -3.87 -2.46 21.00
CA ALA A 92 -3.52 -2.31 22.42
C ALA A 92 -2.01 -2.06 22.58
N TYR A 93 -1.22 -2.36 21.56
CA TYR A 93 0.20 -2.21 21.61
C TYR A 93 0.63 -0.97 20.83
N ARG A 94 0.15 -0.81 19.56
CA ARG A 94 0.61 0.30 18.70
CA ARG A 94 0.62 0.25 18.69
C ARG A 94 -0.49 0.55 17.68
N HIS A 95 -0.70 1.81 17.35
CA HIS A 95 -1.60 2.28 16.27
C HIS A 95 -0.80 2.30 14.97
N THR A 96 -1.10 1.28 14.13
CA THR A 96 -0.28 1.01 12.94
C THR A 96 -0.96 1.34 11.64
N GLY A 97 -2.10 1.97 11.65
CA GLY A 97 -2.74 2.47 10.49
C GLY A 97 -1.95 3.67 9.95
N LEU A 98 -2.31 4.17 8.78
CA LEU A 98 -1.62 5.33 8.19
C LEU A 98 -1.51 6.46 9.23
N ALA A 99 -2.61 6.76 9.92
CA ALA A 99 -2.57 7.94 10.86
C ALA A 99 -1.58 7.67 11.97
N GLY A 100 -1.49 6.41 12.41
CA GLY A 100 -0.53 6.03 13.45
C GLY A 100 0.90 6.06 12.97
N GLN A 101 1.15 5.66 11.71
CA GLN A 101 2.42 5.74 11.09
C GLN A 101 2.90 7.20 11.00
N VAL A 102 2.00 8.07 10.57
CA VAL A 102 2.34 9.51 10.56
C VAL A 102 2.64 9.99 11.99
N ASP A 103 1.82 9.63 12.93
CA ASP A 103 2.07 10.05 14.36
C ASP A 103 3.44 9.65 14.77
N ALA A 104 3.80 8.42 14.53
CA ALA A 104 5.07 7.88 15.03
C ALA A 104 6.23 8.56 14.30
N TYR A 105 6.08 8.81 12.98
CA TYR A 105 7.11 9.45 12.19
C TYR A 105 7.34 10.88 12.73
N LEU A 106 6.29 11.60 13.00
CA LEU A 106 6.43 12.98 13.50
C LEU A 106 6.96 12.95 14.94
N ALA A 107 6.57 11.98 15.72
CA ALA A 107 7.09 11.89 17.16
C ALA A 107 8.56 11.51 17.19
N THR A 108 9.06 10.79 16.22
CA THR A 108 10.43 10.33 16.18
C THR A 108 11.33 11.45 15.67
N LEU A 109 10.75 12.44 15.00
CA LEU A 109 11.43 13.70 14.77
C LEU A 109 11.26 14.52 16.07
N ASP A 110 12.29 15.23 16.47
CA ASP A 110 12.34 15.73 17.87
C ASP A 110 11.63 17.09 18.08
N GLY A 111 10.59 17.35 17.28
CA GLY A 111 10.19 18.72 16.95
C GLY A 111 10.98 19.23 15.76
N LYS A 112 11.90 18.38 15.28
CA LYS A 112 12.72 18.65 14.11
C LYS A 112 11.83 18.64 12.85
N PRO A 113 12.01 19.63 11.93
CA PRO A 113 11.17 19.60 10.73
C PRO A 113 11.56 18.48 9.73
N VAL A 114 10.57 18.15 8.97
CA VAL A 114 10.67 17.17 7.91
C VAL A 114 11.58 17.66 6.79
N ASP A 115 12.26 16.74 6.12
CA ASP A 115 13.03 17.01 4.91
C ASP A 115 12.10 17.38 3.76
N GLY A 116 12.08 18.65 3.34
CA GLY A 116 11.28 19.09 2.25
C GLY A 116 11.68 18.52 0.89
N GLN A 117 12.82 17.80 0.75
CA GLN A 117 13.15 17.18 -0.48
C GLN A 117 12.85 15.66 -0.51
N ALA A 118 12.50 15.11 0.66
CA ALA A 118 12.19 13.65 0.70
C ALA A 118 10.84 13.40 0.06
N LEU A 119 10.68 12.26 -0.57
CA LEU A 119 9.40 11.86 -1.19
C LEU A 119 8.57 11.11 -0.13
N HIS A 120 7.41 11.62 0.18
CA HIS A 120 6.50 10.97 1.09
C HIS A 120 5.51 10.14 0.29
N PHE A 121 5.66 8.85 0.34
CA PHE A 121 4.96 7.86 -0.48
C PHE A 121 3.78 7.29 0.34
N ILE A 122 2.58 7.39 -0.16
CA ILE A 122 1.41 6.95 0.60
C ILE A 122 0.67 5.93 -0.25
N PHE A 123 0.40 4.77 0.29
CA PHE A 123 -0.25 3.71 -0.45
C PHE A 123 -1.09 2.90 0.53
N VAL A 124 -2.36 3.20 0.61
CA VAL A 124 -3.20 2.59 1.64
C VAL A 124 -4.65 2.66 1.16
N SER A 125 -5.49 1.80 1.73
CA SER A 125 -6.98 1.77 1.61
C SER A 125 -7.48 0.36 1.52
N ALA A 126 -6.68 -0.60 0.99
CA ALA A 126 -7.19 -1.97 0.75
C ALA A 126 -7.77 -2.51 2.03
N ASN A 127 -7.09 -2.39 3.15
CA ASN A 127 -7.60 -3.02 4.37
C ASN A 127 -8.85 -2.34 4.92
N ASP A 128 -9.13 -1.12 4.51
CA ASP A 128 -10.43 -0.50 4.91
C ASP A 128 -11.57 -1.39 4.32
N PHE A 129 -11.39 -1.77 3.07
CA PHE A 129 -12.33 -2.65 2.35
C PHE A 129 -12.26 -4.07 2.87
N PHE A 130 -11.08 -4.66 3.03
CA PHE A 130 -11.00 -6.06 3.48
C PHE A 130 -11.63 -6.22 4.88
N GLU A 131 -11.39 -5.31 5.78
CA GLU A 131 -11.94 -5.37 7.13
C GLU A 131 -13.45 -5.23 7.06
N HIS A 132 -13.95 -4.32 6.26
CA HIS A 132 -15.39 -4.13 6.11
C HIS A 132 -16.06 -5.41 5.62
N GLU A 133 -15.49 -6.03 4.60
CA GLU A 133 -16.07 -7.24 4.02
C GLU A 133 -15.93 -8.41 4.97
N ASP A 134 -14.78 -8.61 5.58
CA ASP A 134 -14.52 -9.82 6.34
C ASP A 134 -15.25 -9.82 7.65
N PHE A 135 -15.57 -8.66 8.21
CA PHE A 135 -16.17 -8.54 9.54
C PHE A 135 -17.52 -7.83 9.48
N ALA A 136 -18.17 -7.84 8.33
CA ALA A 136 -19.57 -7.41 8.14
C ALA A 136 -19.77 -5.97 8.62
N GLY A 137 -18.92 -5.07 8.17
CA GLY A 137 -19.18 -3.67 8.40
C GLY A 137 -20.50 -3.23 7.82
N GLU A 138 -21.19 -2.29 8.48
CA GLU A 138 -22.55 -1.84 8.08
C GLU A 138 -22.55 -0.55 7.26
N GLN A 139 -21.47 0.24 7.30
CA GLN A 139 -21.30 1.44 6.49
C GLN A 139 -21.55 1.09 5.01
N PRO A 140 -22.34 1.86 4.30
CA PRO A 140 -22.35 1.70 2.86
C PRO A 140 -20.96 1.88 2.22
N LEU A 141 -20.68 1.17 1.16
CA LEU A 141 -19.33 1.22 0.55
C LEU A 141 -18.97 2.62 0.10
N GLU A 142 -19.94 3.43 -0.37
CA GLU A 142 -19.61 4.77 -0.81
C GLU A 142 -19.16 5.62 0.38
N GLN A 143 -19.73 5.42 1.55
CA GLN A 143 -19.33 6.14 2.74
C GLN A 143 -17.95 5.65 3.22
N LEU A 144 -17.71 4.33 3.16
CA LEU A 144 -16.40 3.77 3.50
C LEU A 144 -15.36 4.42 2.58
N ALA A 145 -15.65 4.50 1.30
CA ALA A 145 -14.69 5.11 0.36
C ALA A 145 -14.45 6.57 0.77
N GLY A 146 -15.52 7.33 1.07
CA GLY A 146 -15.36 8.71 1.54
C GLY A 146 -14.45 8.78 2.74
N SER A 147 -14.58 7.86 3.69
CA SER A 147 -13.77 7.84 4.89
CA SER A 147 -13.77 7.88 4.88
C SER A 147 -12.29 7.59 4.55
N SER A 148 -12.04 6.62 3.66
CA SER A 148 -10.68 6.30 3.25
C SER A 148 -10.02 7.55 2.63
N VAL A 149 -10.76 8.21 1.73
CA VAL A 149 -10.21 9.39 1.05
C VAL A 149 -9.95 10.50 2.07
N ALA A 150 -10.85 10.71 3.01
CA ALA A 150 -10.66 11.80 4.01
C ALA A 150 -9.44 11.50 4.86
N ASN A 151 -9.23 10.22 5.16
CA ASN A 151 -8.08 9.80 5.96
C ASN A 151 -6.77 10.04 5.20
N ILE A 152 -6.75 9.71 3.94
CA ILE A 152 -5.57 9.94 3.14
C ILE A 152 -5.29 11.44 3.05
N ARG A 153 -6.35 12.21 2.73
CA ARG A 153 -6.16 13.68 2.67
C ARG A 153 -5.61 14.20 4.01
N ALA A 154 -6.12 13.71 5.12
CA ALA A 154 -5.63 14.16 6.41
C ALA A 154 -4.16 13.87 6.63
N ALA A 155 -3.66 12.71 6.19
CA ALA A 155 -2.28 12.36 6.34
C ALA A 155 -1.39 13.29 5.51
N VAL A 156 -1.81 13.60 4.27
CA VAL A 156 -1.04 14.51 3.45
C VAL A 156 -1.00 15.88 4.14
N GLN A 157 -2.19 16.35 4.61
CA GLN A 157 -2.23 17.65 5.26
C GLN A 157 -1.30 17.68 6.47
N ARG A 158 -1.31 16.65 7.31
CA ARG A 158 -0.50 16.65 8.52
CA ARG A 158 -0.51 16.64 8.52
C ARG A 158 0.99 16.59 8.17
N LEU A 159 1.35 15.77 7.18
CA LEU A 159 2.74 15.71 6.74
C LEU A 159 3.21 17.04 6.14
N GLY A 160 2.34 17.67 5.35
CA GLY A 160 2.67 18.99 4.77
C GLY A 160 2.84 20.05 5.84
N GLU A 161 1.97 20.02 6.84
CA GLU A 161 2.08 20.99 7.93
C GLU A 161 3.41 20.82 8.64
N ALA A 162 3.90 19.63 8.81
CA ALA A 162 5.14 19.36 9.46
C ALA A 162 6.37 19.66 8.61
N GLY A 163 6.20 19.89 7.32
CA GLY A 163 7.30 20.29 6.44
C GLY A 163 7.45 19.47 5.20
N ALA A 164 6.66 18.39 5.01
CA ALA A 164 6.81 17.64 3.75
C ALA A 164 6.34 18.49 2.58
N ARG A 165 7.06 18.34 1.45
CA ARG A 165 6.73 19.11 0.24
C ARG A 165 6.59 18.22 -1.00
N ARG A 166 7.00 16.96 -0.95
CA ARG A 166 6.89 16.08 -2.11
C ARG A 166 6.17 14.80 -1.68
N PHE A 167 5.22 14.39 -2.49
CA PHE A 167 4.41 13.21 -2.22
C PHE A 167 4.21 12.42 -3.51
N LEU A 168 4.04 11.12 -3.30
N LEU A 168 4.07 11.12 -3.31
CA LEU A 168 3.53 10.19 -4.32
CA LEU A 168 3.49 10.24 -4.32
C LEU A 168 2.36 9.44 -3.65
C LEU A 168 2.36 9.46 -3.65
N VAL A 169 1.16 9.68 -4.14
CA VAL A 169 -0.04 9.07 -3.60
C VAL A 169 -0.50 8.01 -4.58
N VAL A 170 -0.57 6.76 -4.10
CA VAL A 170 -1.01 5.68 -4.96
C VAL A 170 -2.52 5.47 -4.81
N SER A 171 -3.20 5.27 -5.94
CA SER A 171 -4.61 5.02 -6.00
C SER A 171 -4.94 3.72 -5.30
N SER A 172 -6.29 3.43 -5.14
CA SER A 172 -6.64 2.05 -4.86
C SER A 172 -6.13 1.14 -5.94
N THR A 173 -5.63 -0.05 -5.55
CA THR A 173 -5.36 -1.10 -6.53
C THR A 173 -6.70 -1.64 -7.06
N ASP A 174 -6.58 -2.51 -8.05
CA ASP A 174 -7.77 -3.26 -8.57
C ASP A 174 -8.16 -4.36 -7.63
N LEU A 175 -8.88 -3.98 -6.58
CA LEU A 175 -9.36 -4.94 -5.62
C LEU A 175 -10.26 -6.00 -6.25
N SER A 176 -10.90 -5.62 -7.37
CA SER A 176 -11.89 -6.52 -7.98
C SER A 176 -11.26 -7.79 -8.56
N VAL A 177 -9.95 -7.79 -8.79
CA VAL A 177 -9.24 -9.00 -9.30
C VAL A 177 -8.39 -9.70 -8.24
N VAL A 178 -8.47 -9.23 -7.01
CA VAL A 178 -7.73 -9.89 -5.92
C VAL A 178 -8.33 -11.27 -5.73
N PRO A 179 -7.51 -12.32 -5.65
CA PRO A 179 -8.08 -13.66 -5.60
C PRO A 179 -9.07 -13.85 -4.45
N ALA A 180 -8.78 -13.34 -3.26
CA ALA A 180 -9.70 -13.51 -2.13
C ALA A 180 -11.04 -12.84 -2.42
N VAL A 181 -11.03 -11.72 -3.10
CA VAL A 181 -12.22 -10.99 -3.45
C VAL A 181 -13.06 -11.78 -4.46
N VAL A 182 -12.42 -12.33 -5.46
CA VAL A 182 -13.07 -13.15 -6.47
C VAL A 182 -13.64 -14.39 -5.79
N ALA A 183 -12.85 -15.06 -4.93
CA ALA A 183 -13.37 -16.28 -4.26
C ALA A 183 -14.52 -15.92 -3.35
N GLY A 184 -14.54 -14.73 -2.80
CA GLY A 184 -15.65 -14.30 -1.94
C GLY A 184 -16.85 -13.81 -2.70
N ASN A 185 -16.84 -13.84 -4.02
CA ASN A 185 -17.89 -13.33 -4.87
C ASN A 185 -18.24 -11.89 -4.51
N ARG A 186 -17.19 -11.06 -4.32
CA ARG A 186 -17.31 -9.68 -3.91
CA ARG A 186 -17.34 -9.67 -3.95
C ARG A 186 -16.74 -8.72 -4.98
N VAL A 187 -16.65 -9.14 -6.22
CA VAL A 187 -16.10 -8.32 -7.29
C VAL A 187 -16.86 -7.02 -7.49
N GLU A 188 -18.20 -7.04 -7.55
CA GLU A 188 -18.82 -5.76 -7.86
C GLU A 188 -18.79 -4.84 -6.64
N ARG A 189 -18.75 -5.37 -5.41
CA ARG A 189 -18.56 -4.56 -4.15
CA ARG A 189 -18.59 -4.45 -4.30
C ARG A 189 -17.20 -3.82 -4.27
N ALA A 190 -16.17 -4.61 -4.62
CA ALA A 190 -14.81 -4.03 -4.75
C ALA A 190 -14.77 -2.97 -5.82
N GLN A 191 -15.46 -3.19 -6.97
CA GLN A 191 -15.48 -2.20 -8.04
CA GLN A 191 -15.44 -2.17 -8.04
C GLN A 191 -16.10 -0.88 -7.56
N ARG A 192 -17.23 -0.99 -6.84
CA ARG A 192 -17.89 0.21 -6.36
C ARG A 192 -17.02 0.99 -5.39
N TYR A 193 -16.36 0.27 -4.53
CA TYR A 193 -15.46 0.93 -3.54
C TYR A 193 -14.27 1.58 -4.24
N LEU A 194 -13.55 0.80 -5.05
CA LEU A 194 -12.31 1.32 -5.62
C LEU A 194 -12.60 2.46 -6.59
N GLN A 195 -13.73 2.42 -7.33
CA GLN A 195 -14.03 3.50 -8.21
CA GLN A 195 -14.08 3.49 -8.21
C GLN A 195 -14.38 4.76 -7.42
N ALA A 196 -15.05 4.64 -6.29
CA ALA A 196 -15.36 5.84 -5.51
C ALA A 196 -14.07 6.45 -4.92
N VAL A 197 -13.16 5.61 -4.42
CA VAL A 197 -11.88 6.15 -3.93
C VAL A 197 -11.14 6.83 -5.06
N ASN A 198 -11.03 6.20 -6.22
CA ASN A 198 -10.17 6.68 -7.25
C ASN A 198 -10.76 7.92 -7.96
N ALA A 199 -12.05 8.06 -7.89
CA ALA A 199 -12.68 9.28 -8.46
C ALA A 199 -12.45 10.47 -7.53
N SER A 200 -12.55 10.25 -6.24
CA SER A 200 -12.52 11.33 -5.24
C SER A 200 -11.12 11.75 -4.85
N LEU A 201 -10.18 10.82 -4.76
CA LEU A 201 -8.86 11.19 -4.25
C LEU A 201 -8.16 12.24 -5.13
N PRO A 202 -8.21 12.17 -6.44
CA PRO A 202 -7.56 13.22 -7.27
C PRO A 202 -8.15 14.61 -7.00
N ILE A 203 -9.43 14.68 -6.68
CA ILE A 203 -10.06 15.98 -6.35
C ILE A 203 -9.47 16.54 -5.05
N GLN A 204 -9.27 15.71 -4.03
CA GLN A 204 -8.64 16.15 -2.80
C GLN A 204 -7.19 16.55 -3.11
N LEU A 205 -6.47 15.82 -3.98
CA LEU A 205 -5.08 16.19 -4.26
C LEU A 205 -5.00 17.59 -4.91
N ALA A 206 -5.96 17.89 -5.79
CA ALA A 206 -6.06 19.29 -6.37
C ALA A 206 -6.20 20.34 -5.26
N ALA A 207 -7.02 20.12 -4.28
CA ALA A 207 -7.21 21.07 -3.22
C ALA A 207 -5.90 21.24 -2.45
N LEU A 208 -5.19 20.16 -2.12
CA LEU A 208 -3.99 20.22 -1.34
C LEU A 208 -2.83 20.87 -2.10
N ARG A 209 -2.85 20.82 -3.45
CA ARG A 209 -1.80 21.48 -4.24
C ARG A 209 -1.87 23.01 -4.10
N LYS A 210 -2.96 23.55 -3.55
CA LYS A 210 -3.12 25.05 -3.47
C LYS A 210 -2.23 25.68 -2.41
N THR A 211 -1.57 24.95 -1.50
CA THR A 211 -0.63 25.63 -0.61
C THR A 211 0.66 24.80 -0.51
N ARG A 212 1.70 25.45 0.02
CA ARG A 212 2.99 24.89 0.38
C ARG A 212 3.71 24.49 -0.90
N GLY A 213 3.20 24.86 -2.08
CA GLY A 213 3.82 24.41 -3.32
C GLY A 213 3.96 22.90 -3.33
N LEU A 214 3.00 22.20 -2.75
CA LEU A 214 3.17 20.76 -2.62
C LEU A 214 3.23 20.15 -4.02
N GLU A 215 4.17 19.24 -4.15
CA GLU A 215 4.25 18.38 -5.33
C GLU A 215 3.46 17.11 -4.97
N LEU A 216 2.30 16.89 -5.50
CA LEU A 216 1.44 15.75 -5.11
C LEU A 216 1.23 14.90 -6.35
N SER A 217 2.08 13.93 -6.53
CA SER A 217 1.99 13.06 -7.68
C SER A 217 1.02 11.90 -7.41
N TRP A 218 0.30 11.52 -8.45
CA TRP A 218 -0.75 10.47 -8.37
C TRP A 218 -0.30 9.29 -9.20
N PHE A 219 -0.27 8.08 -8.64
CA PHE A 219 0.01 6.88 -9.39
C PHE A 219 -1.27 6.07 -9.48
N ASP A 220 -1.80 5.97 -10.71
CA ASP A 220 -3.03 5.22 -10.96
C ASP A 220 -2.72 3.75 -11.15
N HIS A 221 -2.80 3.02 -10.06
CA HIS A 221 -2.44 1.61 -10.03
C HIS A 221 -3.45 0.79 -10.83
N LEU A 222 -4.67 1.28 -10.97
CA LEU A 222 -5.71 0.58 -11.74
C LEU A 222 -5.34 0.63 -13.21
N THR A 223 -4.93 1.79 -13.71
CA THR A 223 -4.51 1.95 -15.12
C THR A 223 -3.31 1.01 -15.37
N PHE A 224 -2.34 1.02 -14.43
CA PHE A 224 -1.16 0.16 -14.50
C PHE A 224 -1.55 -1.33 -14.60
N SER A 225 -2.41 -1.77 -13.74
CA SER A 225 -2.75 -3.20 -13.74
C SER A 225 -3.60 -3.57 -14.95
N ARG A 226 -4.47 -2.68 -15.33
CA ARG A 226 -5.32 -3.02 -16.50
C ARG A 226 -4.40 -3.18 -17.72
N HIS A 227 -3.40 -2.33 -17.88
CA HIS A 227 -2.54 -2.46 -19.00
C HIS A 227 -1.71 -3.76 -18.93
N LEU A 228 -1.13 -4.12 -17.78
CA LEU A 228 -0.37 -5.30 -17.63
C LEU A 228 -1.26 -6.53 -17.91
N ARG A 229 -2.46 -6.56 -17.39
CA ARG A 229 -3.34 -7.74 -17.47
C ARG A 229 -3.90 -7.90 -18.89
N ARG A 230 -4.03 -6.81 -19.61
CA ARG A 230 -4.54 -6.90 -21.01
C ARG A 230 -3.40 -7.38 -21.89
N ASN A 231 -2.15 -7.15 -21.58
CA ASN A 231 -0.95 -7.45 -22.42
C ASN A 231 0.08 -8.30 -21.66
N PRO A 232 -0.37 -9.43 -21.09
CA PRO A 232 0.53 -10.13 -20.14
C PRO A 232 1.81 -10.71 -20.74
N ALA A 233 1.68 -11.21 -21.97
CA ALA A 233 2.91 -11.86 -22.58
C ALA A 233 4.04 -10.86 -22.80
N ARG A 234 3.71 -9.59 -23.03
CA ARG A 234 4.68 -8.52 -23.23
C ARG A 234 5.61 -8.44 -22.01
N TYR A 235 5.04 -8.80 -20.83
CA TYR A 235 5.76 -8.68 -19.56
C TYR A 235 6.15 -10.03 -18.97
N GLY A 236 5.93 -11.12 -19.69
CA GLY A 236 6.30 -12.46 -19.25
C GLY A 236 5.34 -13.13 -18.27
N LEU A 237 4.14 -12.58 -18.15
CA LEU A 237 3.17 -13.16 -17.27
C LEU A 237 2.27 -14.16 -18.02
N VAL A 238 1.81 -15.18 -17.33
CA VAL A 238 0.89 -16.19 -17.87
C VAL A 238 -0.34 -16.39 -16.99
N GLU A 239 -0.17 -16.52 -15.70
CA GLU A 239 -1.28 -16.83 -14.81
C GLU A 239 -1.69 -15.59 -14.02
N LEU A 240 -2.84 -15.04 -14.36
CA LEU A 240 -3.25 -13.75 -13.82
C LEU A 240 -4.17 -13.89 -12.59
N ASP A 241 -4.73 -15.05 -12.33
CA ASP A 241 -5.77 -15.19 -11.33
C ASP A 241 -5.45 -16.12 -10.18
N ALA A 242 -4.80 -17.21 -10.42
CA ALA A 242 -4.54 -18.18 -9.35
C ALA A 242 -3.32 -17.76 -8.55
N PRO A 243 -3.37 -17.90 -7.22
CA PRO A 243 -2.14 -17.63 -6.44
C PRO A 243 -1.01 -18.63 -6.69
N CYS A 244 0.20 -18.14 -6.82
CA CYS A 244 1.37 -19.02 -6.87
C CYS A 244 1.49 -19.84 -5.60
N GLN A 245 1.21 -19.21 -4.49
CA GLN A 245 1.35 -19.77 -3.14
C GLN A 245 -0.01 -19.75 -2.45
N PRO A 246 -0.85 -20.76 -2.68
CA PRO A 246 -2.08 -20.83 -1.95
C PRO A 246 -1.93 -20.89 -0.44
N THR A 247 -2.85 -20.24 0.27
CA THR A 247 -2.89 -20.24 1.73
C THR A 247 -4.28 -20.57 2.26
N GLN A 248 -5.31 -20.45 1.43
CA GLN A 248 -6.72 -20.65 1.85
C GLN A 248 -7.37 -21.76 1.03
N PRO A 249 -8.03 -22.73 1.70
CA PRO A 249 -8.18 -22.81 3.14
C PRO A 249 -6.92 -23.30 3.88
N SER A 250 -5.97 -23.89 3.16
CA SER A 250 -4.68 -24.21 3.76
C SER A 250 -3.55 -23.98 2.75
N VAL A 251 -2.34 -24.05 3.29
CA VAL A 251 -1.17 -23.81 2.56
C VAL A 251 -0.88 -25.00 1.65
N ARG A 252 -0.55 -24.74 0.38
CA ARG A 252 -0.15 -25.80 -0.57
C ARG A 252 1.21 -25.44 -1.14
N PRO A 253 1.91 -26.38 -1.78
CA PRO A 253 3.20 -26.07 -2.33
C PRO A 253 3.13 -24.95 -3.38
N ALA A 254 4.13 -24.09 -3.39
CA ALA A 254 4.17 -23.00 -4.35
C ALA A 254 4.40 -23.53 -5.77
N CYS A 255 3.92 -22.75 -6.73
CA CYS A 255 4.15 -22.93 -8.16
C CYS A 255 5.63 -22.85 -8.51
N ALA A 256 5.96 -23.53 -9.64
CA ALA A 256 7.34 -23.68 -10.10
C ALA A 256 7.90 -22.41 -10.77
N ASN A 257 7.00 -21.59 -11.31
CA ASN A 257 7.35 -20.51 -12.19
C ASN A 257 6.75 -19.20 -11.65
N PRO A 258 7.19 -18.76 -10.49
CA PRO A 258 6.49 -17.60 -9.89
C PRO A 258 6.62 -16.30 -10.65
N ASP A 259 7.66 -16.10 -11.46
CA ASP A 259 7.73 -14.88 -12.24
C ASP A 259 6.76 -14.80 -13.43
N GLN A 260 6.04 -15.91 -13.63
CA GLN A 260 4.94 -15.90 -14.62
C GLN A 260 3.57 -15.72 -13.97
N TYR A 261 3.52 -15.42 -12.69
CA TYR A 261 2.27 -15.24 -11.93
C TYR A 261 2.10 -13.78 -11.49
N TYR A 262 0.86 -13.29 -11.63
CA TYR A 262 0.50 -12.01 -11.09
C TYR A 262 0.42 -12.01 -9.55
N PHE A 263 -0.26 -13.00 -8.97
CA PHE A 263 -0.51 -13.02 -7.52
C PHE A 263 0.37 -14.07 -6.85
N TRP A 264 0.92 -13.69 -5.71
CA TRP A 264 1.67 -14.57 -4.83
C TRP A 264 0.69 -15.37 -3.99
N ASP A 265 -0.04 -14.73 -3.09
CA ASP A 265 -1.09 -15.36 -2.31
C ASP A 265 -2.46 -14.79 -2.79
N GLU A 266 -3.49 -14.89 -1.92
CA GLU A 266 -4.83 -14.49 -2.30
C GLU A 266 -5.05 -12.99 -2.27
N TRP A 267 -4.05 -12.21 -1.84
CA TRP A 267 -4.22 -10.76 -1.72
C TRP A 267 -3.12 -9.96 -2.40
N HIS A 268 -1.94 -10.52 -2.57
CA HIS A 268 -0.75 -9.73 -2.85
C HIS A 268 -0.12 -10.11 -4.18
N PRO A 269 0.42 -9.16 -4.88
CA PRO A 269 1.13 -9.44 -6.13
C PRO A 269 2.44 -10.14 -5.83
N THR A 270 2.96 -10.78 -6.88
CA THR A 270 4.30 -11.35 -6.81
C THR A 270 5.39 -10.28 -6.96
N ARG A 271 6.61 -10.68 -6.69
CA ARG A 271 7.77 -9.81 -6.88
C ARG A 271 7.83 -9.25 -8.30
N ARG A 272 7.39 -10.03 -9.27
CA ARG A 272 7.44 -9.58 -10.64
C ARG A 272 6.48 -8.40 -10.90
N VAL A 273 5.25 -8.48 -10.34
CA VAL A 273 4.33 -7.34 -10.51
C VAL A 273 4.81 -6.16 -9.63
N HIS A 274 5.35 -6.40 -8.43
CA HIS A 274 5.89 -5.28 -7.68
C HIS A 274 7.02 -4.59 -8.43
N GLN A 275 7.84 -5.36 -9.12
N GLN A 275 7.82 -5.36 -9.13
CA GLN A 275 8.94 -4.78 -9.95
CA GLN A 275 8.92 -4.79 -9.92
C GLN A 275 8.36 -3.88 -11.05
C GLN A 275 8.36 -3.90 -11.04
N LEU A 276 7.40 -4.39 -11.78
CA LEU A 276 6.80 -3.62 -12.85
C LEU A 276 6.10 -2.36 -12.31
N ALA A 277 5.47 -2.48 -11.13
CA ALA A 277 4.84 -1.34 -10.54
C ALA A 277 5.86 -0.28 -10.10
N GLY A 278 6.91 -0.74 -9.45
CA GLY A 278 7.93 0.22 -9.03
C GLY A 278 8.59 0.89 -10.19
N GLU A 279 8.86 0.14 -11.24
CA GLU A 279 9.43 0.76 -12.46
C GLU A 279 8.48 1.78 -13.06
N ALA A 280 7.19 1.53 -13.07
CA ALA A 280 6.18 2.46 -13.61
C ALA A 280 6.15 3.70 -12.72
N MET A 281 6.24 3.52 -11.39
CA MET A 281 6.25 4.67 -10.49
C MET A 281 7.51 5.51 -10.70
N ALA A 282 8.62 4.87 -10.90
CA ALA A 282 9.90 5.56 -11.01
C ALA A 282 9.97 6.33 -12.32
N ALA A 283 9.19 5.97 -13.31
CA ALA A 283 9.33 6.59 -14.66
C ALA A 283 9.01 8.08 -14.64
N ARG A 284 8.36 8.60 -13.61
CA ARG A 284 7.98 10.01 -13.54
C ARG A 284 9.13 10.90 -13.01
N TYR A 285 10.18 10.29 -12.49
CA TYR A 285 11.29 10.99 -11.79
C TYR A 285 12.58 10.89 -12.59
N ALA A 286 13.37 11.98 -12.55
CA ALA A 286 14.76 11.90 -12.98
C ALA A 286 15.62 11.11 -12.03
N ARG A 287 16.72 10.50 -12.50
CA ARG A 287 17.68 9.85 -11.66
C ARG A 287 18.61 10.84 -10.98
O1 MES B . -4.06 -7.58 4.54
C2 MES B . -3.13 -8.34 5.32
C3 MES B . -3.84 -9.58 5.94
N4 MES B . -5.12 -10.03 5.35
C5 MES B . -5.54 -9.44 4.04
C6 MES B . -4.62 -8.35 3.52
C7 MES B . -5.73 -11.40 5.58
C8 MES B . -4.89 -12.38 6.35
S MES B . -5.90 -13.43 7.28
O1S MES B . -6.39 -12.70 8.47
O2S MES B . -7.09 -13.88 6.51
O3S MES B . -4.91 -14.48 7.76
C1 GOL C . -10.78 -10.83 1.12
O1 GOL C . -10.00 -11.07 2.36
C2 GOL C . -12.16 -10.31 1.46
O2 GOL C . -11.92 -9.17 2.25
C3 GOL C . -13.08 -10.04 0.29
O3 GOL C . -13.50 -11.32 -0.20
C1 BUA D . -1.61 -18.48 6.19
C2 BUA D . -0.45 -17.46 5.99
C3 BUA D . 0.56 -17.35 7.15
C4 BUA D . 1.50 -18.51 6.82
O1 BUA D . 1.12 -19.70 6.99
O2 BUA D . 2.54 -18.36 6.19
CL CL E . 11.73 -14.32 7.41
O1 P6G F . 14.48 -18.89 -2.94
C2 P6G F . 14.52 -17.53 -2.49
C3 P6G F . 13.23 -16.79 -2.85
O4 P6G F . 12.18 -17.30 -2.04
C5 P6G F . 10.93 -16.64 -2.26
C6 P6G F . 9.79 -17.34 -1.49
O7 P6G F . 9.94 -17.09 -0.10
C8 P6G F . 9.19 -17.91 0.79
C9 P6G F . 10.10 -18.89 1.53
O10 P6G F . 10.29 -18.61 2.93
C11 P6G F . 11.48 -19.19 3.49
C12 P6G F . 11.53 -20.72 3.39
O13 P6G F . 12.53 -21.32 4.25
C14 P6G F . 12.35 -22.72 4.45
C15 P6G F . 11.58 -22.96 5.74
O16 P6G F . 10.82 -24.17 5.69
C17 P6G F . 9.48 -23.91 5.27
C18 P6G F . 8.47 -24.27 6.36
O19 P6G F . 7.17 -23.83 5.93
#